data_4DAI
#
_entry.id   4DAI
#
_cell.length_a   98.291
_cell.length_b   98.291
_cell.length_c   263.584
_cell.angle_alpha   90.000
_cell.angle_beta   90.000
_cell.angle_gamma   120.000
#
_symmetry.space_group_name_H-M   'P 62 2 2'
#
loop_
_entity.id
_entity.type
_entity.pdbx_description
1 polymer 'Dihydropteroate Synthase'
2 non-polymer '(7-amino-4,5-dioxo-1,4,5,6-tetrahydropyrimido[4,5-c]pyridazin-3-yl)acetic acid'
3 non-polymer 'SULFATE ION'
4 water water
#
_entity_poly.entity_id   1
_entity_poly.type   'polypeptide(L)'
_entity_poly.pdbx_seq_one_letter_code
;MGSSHHHHHHSSGLVPRGSHMKWDYDLRCGEYTLNLNEKTLIMGILNVTPDSFSDGGSYNEVDAAVRHAKEMRDEGAHII
DIGGESTRPGFAKVSVEEEIKRVVPMIQAVSKEVKLPISIDTYKAEVAKQAIEAGAHIINDIWGAKAEPKIAEVAAHYDV
PIILMHNRDNMNYRNLMADMIADLYDSIKIAKDAGVRDENIILDPGIGFAKTPEQNLEAMRNLEQLNVLGYPVLLGTSRK
SFIGHVLDLPVEERLEGTGATVCLGIEKGCEFVRVHDVKEMSRMAKMMDAMIGKGVK
;
_entity_poly.pdbx_strand_id   A,B
#
# COMPACT_ATOMS: atom_id res chain seq x y z
N LYS A 22 -25.14 -21.69 26.47
CA LYS A 22 -23.71 -22.04 26.17
C LYS A 22 -23.62 -22.82 24.87
N TRP A 23 -22.72 -22.42 23.98
CA TRP A 23 -22.55 -23.13 22.72
C TRP A 23 -21.60 -24.30 22.93
N ASP A 24 -21.89 -25.42 22.27
CA ASP A 24 -21.06 -26.60 22.43
C ASP A 24 -20.12 -26.76 21.26
N TYR A 25 -19.82 -25.65 20.61
CA TYR A 25 -18.91 -25.66 19.46
C TYR A 25 -18.33 -24.29 19.17
N ASP A 26 -17.27 -24.28 18.37
CA ASP A 26 -16.61 -23.03 17.99
C ASP A 26 -16.87 -22.72 16.53
N LEU A 27 -16.79 -21.44 16.20
CA LEU A 27 -16.98 -21.03 14.83
C LEU A 27 -15.66 -21.32 14.12
N ARG A 28 -15.65 -22.34 13.27
CA ARG A 28 -14.43 -22.70 12.55
C ARG A 28 -14.27 -21.85 11.29
N CYS A 29 -13.25 -20.99 11.27
CA CYS A 29 -12.97 -20.12 10.13
C CYS A 29 -11.58 -20.39 9.55
N GLY A 30 -11.37 -21.57 9.00
CA GLY A 30 -10.07 -21.90 8.45
C GLY A 30 -8.96 -21.73 9.46
N GLU A 31 -8.04 -20.80 9.18
CA GLU A 31 -6.90 -20.55 10.07
C GLU A 31 -7.31 -20.18 11.50
N TYR A 32 -8.33 -19.34 11.61
CA TYR A 32 -8.79 -18.88 12.92
C TYR A 32 -10.08 -19.55 13.40
N THR A 33 -10.24 -19.58 14.72
CA THR A 33 -11.42 -20.16 15.34
C THR A 33 -12.01 -19.18 16.36
N LEU A 34 -13.27 -18.82 16.15
CA LEU A 34 -13.94 -17.89 17.04
C LEU A 34 -14.80 -18.64 18.06
N ASN A 35 -14.53 -18.40 19.33
CA ASN A 35 -15.30 -19.04 20.39
C ASN A 35 -16.54 -18.17 20.68
N LEU A 36 -17.72 -18.79 20.67
CA LEU A 36 -18.95 -18.04 20.90
C LEU A 36 -19.39 -17.93 22.36
N ASN A 37 -18.51 -18.27 23.30
CA ASN A 37 -18.91 -18.21 24.70
C ASN A 37 -18.17 -17.26 25.62
N GLU A 38 -16.88 -17.04 25.36
CA GLU A 38 -16.13 -16.17 26.26
C GLU A 38 -16.48 -14.68 26.17
N LYS A 39 -16.86 -14.23 24.98
CA LYS A 39 -17.17 -12.81 24.80
C LYS A 39 -17.94 -12.55 23.53
N THR A 40 -18.46 -11.33 23.41
CA THR A 40 -19.19 -10.91 22.23
C THR A 40 -18.14 -10.60 21.16
N LEU A 41 -18.28 -11.21 19.99
CA LEU A 41 -17.34 -11.01 18.91
C LEU A 41 -17.63 -9.73 18.10
N ILE A 42 -16.65 -8.83 18.07
CA ILE A 42 -16.81 -7.57 17.34
C ILE A 42 -16.41 -7.67 15.89
N MET A 43 -17.34 -7.39 14.98
CA MET A 43 -17.04 -7.41 13.55
C MET A 43 -16.96 -5.95 13.12
N GLY A 44 -15.76 -5.53 12.68
CA GLY A 44 -15.55 -4.15 12.24
C GLY A 44 -15.78 -3.97 10.76
N ILE A 45 -16.52 -2.92 10.40
CA ILE A 45 -16.83 -2.64 9.01
C ILE A 45 -15.66 -1.90 8.36
N LEU A 46 -15.07 -2.51 7.34
CA LEU A 46 -13.93 -1.90 6.65
C LEU A 46 -14.40 -0.69 5.84
N ASN A 47 -13.56 0.34 5.82
CA ASN A 47 -13.87 1.57 5.09
C ASN A 47 -13.43 1.58 3.63
N VAL A 48 -14.29 1.10 2.74
CA VAL A 48 -13.97 1.07 1.31
C VAL A 48 -14.35 2.40 0.64
N THR A 49 -13.34 3.10 0.11
CA THR A 49 -13.55 4.37 -0.57
C THR A 49 -12.97 4.28 -1.98
N PRO A 50 -13.77 3.77 -2.94
CA PRO A 50 -13.35 3.61 -4.34
C PRO A 50 -12.50 4.74 -4.95
N ASP A 51 -11.40 4.34 -5.58
CA ASP A 51 -10.48 5.26 -6.23
C ASP A 51 -10.97 5.49 -7.65
N SER A 52 -11.10 6.76 -8.05
CA SER A 52 -11.53 7.07 -9.40
C SER A 52 -10.36 6.72 -10.32
N PHE A 53 -10.62 6.63 -11.63
CA PHE A 53 -9.58 6.27 -12.58
C PHE A 53 -9.03 4.87 -12.25
N SER A 54 -9.76 4.14 -11.42
CA SER A 54 -9.32 2.81 -11.01
C SER A 54 -10.47 1.80 -10.95
N ASP A 55 -10.25 0.64 -11.56
CA ASP A 55 -11.25 -0.44 -11.57
C ASP A 55 -11.20 -1.12 -10.22
N GLY A 56 -10.09 -0.93 -9.52
CA GLY A 56 -9.88 -1.51 -8.21
C GLY A 56 -8.51 -2.14 -8.10
N GLY A 57 -7.80 -1.81 -7.03
CA GLY A 57 -6.48 -2.37 -6.85
C GLY A 57 -5.39 -1.33 -6.67
N SER A 58 -5.70 -0.06 -6.97
CA SER A 58 -4.72 1.00 -6.83
C SER A 58 -4.11 1.02 -5.43
N TYR A 59 -2.89 1.54 -5.32
CA TYR A 59 -2.20 1.61 -4.05
C TYR A 59 -3.00 2.39 -3.00
N ASN A 60 -3.60 3.50 -3.42
CA ASN A 60 -4.38 4.33 -2.50
C ASN A 60 -5.50 3.56 -1.82
N GLU A 61 -6.38 2.97 -2.64
CA GLU A 61 -7.50 2.17 -2.15
C GLU A 61 -7.05 1.10 -1.15
N VAL A 62 -6.32 0.11 -1.65
CA VAL A 62 -5.86 -1.00 -0.83
C VAL A 62 -5.05 -0.59 0.40
N ASP A 63 -4.25 0.46 0.29
CA ASP A 63 -3.45 0.90 1.43
C ASP A 63 -4.32 1.48 2.52
N ALA A 64 -5.22 2.39 2.12
CA ALA A 64 -6.13 3.02 3.07
C ALA A 64 -6.94 1.92 3.76
N ALA A 65 -7.30 0.90 2.99
CA ALA A 65 -8.06 -0.23 3.52
C ALA A 65 -7.26 -1.04 4.55
N VAL A 66 -5.97 -1.25 4.30
CA VAL A 66 -5.13 -2.00 5.22
C VAL A 66 -4.90 -1.19 6.50
N ARG A 67 -4.85 0.12 6.38
CA ARG A 67 -4.64 0.97 7.54
C ARG A 67 -5.84 0.85 8.46
N HIS A 68 -7.03 0.78 7.88
CA HIS A 68 -8.24 0.68 8.68
C HIS A 68 -8.32 -0.70 9.33
N ALA A 69 -8.15 -1.73 8.51
CA ALA A 69 -8.19 -3.11 9.01
C ALA A 69 -7.27 -3.22 10.23
N LYS A 70 -6.03 -2.75 10.06
CA LYS A 70 -5.02 -2.79 11.14
C LYS A 70 -5.47 -1.98 12.34
N GLU A 71 -6.07 -0.83 12.08
CA GLU A 71 -6.55 0.05 13.14
C GLU A 71 -7.63 -0.64 13.96
N MET A 72 -8.65 -1.16 13.28
CA MET A 72 -9.74 -1.83 13.97
C MET A 72 -9.20 -3.01 14.75
N ARG A 73 -8.25 -3.70 14.15
CA ARG A 73 -7.64 -4.85 14.80
C ARG A 73 -7.02 -4.44 16.12
N ASP A 74 -6.43 -3.24 16.15
CA ASP A 74 -5.80 -2.76 17.38
C ASP A 74 -6.77 -2.24 18.42
N GLU A 75 -8.00 -1.94 18.02
CA GLU A 75 -8.96 -1.44 19.00
C GLU A 75 -10.05 -2.41 19.43
N GLY A 76 -9.90 -3.70 19.07
CA GLY A 76 -10.85 -4.70 19.49
C GLY A 76 -11.57 -5.63 18.52
N ALA A 77 -11.48 -5.35 17.23
CA ALA A 77 -12.18 -6.21 16.27
C ALA A 77 -11.74 -7.66 16.31
N HIS A 78 -12.64 -8.57 15.95
CA HIS A 78 -12.32 -10.00 15.91
C HIS A 78 -12.57 -10.49 14.50
N ILE A 79 -13.23 -9.64 13.71
CA ILE A 79 -13.57 -9.97 12.33
C ILE A 79 -13.52 -8.67 11.53
N ILE A 80 -13.13 -8.77 10.26
CA ILE A 80 -13.11 -7.59 9.39
C ILE A 80 -14.11 -7.85 8.27
N ASP A 81 -15.14 -7.01 8.17
CA ASP A 81 -16.17 -7.17 7.13
C ASP A 81 -15.86 -6.27 5.93
N ILE A 82 -15.54 -6.90 4.81
CA ILE A 82 -15.19 -6.18 3.60
C ILE A 82 -16.28 -6.22 2.54
N GLY A 83 -16.82 -5.05 2.23
CA GLY A 83 -17.88 -4.96 1.23
C GLY A 83 -17.39 -4.45 -0.11
N SER A 95 -21.99 -3.45 -10.63
CA SER A 95 -22.02 -4.65 -11.45
C SER A 95 -21.39 -5.83 -10.74
N VAL A 96 -21.41 -6.99 -11.39
CA VAL A 96 -20.84 -8.21 -10.81
C VAL A 96 -19.33 -8.31 -11.04
N GLU A 97 -18.88 -7.74 -12.15
CA GLU A 97 -17.46 -7.77 -12.47
C GLU A 97 -16.72 -6.70 -11.70
N GLU A 98 -17.32 -5.52 -11.63
CA GLU A 98 -16.72 -4.40 -10.89
C GLU A 98 -16.51 -4.83 -9.44
N GLU A 99 -17.54 -5.42 -8.87
CA GLU A 99 -17.51 -5.87 -7.49
C GLU A 99 -16.31 -6.76 -7.21
N ILE A 100 -15.95 -7.58 -8.19
CA ILE A 100 -14.83 -8.48 -8.02
C ILE A 100 -13.49 -7.75 -8.17
N LYS A 101 -13.44 -6.80 -9.10
CA LYS A 101 -12.22 -6.01 -9.32
C LYS A 101 -11.88 -5.15 -8.11
N ARG A 102 -12.91 -4.76 -7.36
CA ARG A 102 -12.75 -3.91 -6.20
C ARG A 102 -12.45 -4.66 -4.90
N VAL A 103 -13.24 -5.70 -4.64
CA VAL A 103 -13.11 -6.47 -3.40
C VAL A 103 -11.95 -7.47 -3.28
N VAL A 104 -11.62 -8.13 -4.38
CA VAL A 104 -10.53 -9.11 -4.36
C VAL A 104 -9.18 -8.52 -3.95
N PRO A 105 -8.76 -7.39 -4.57
CA PRO A 105 -7.49 -6.74 -4.26
C PRO A 105 -7.31 -6.40 -2.78
N MET A 106 -8.42 -6.15 -2.09
CA MET A 106 -8.37 -5.82 -0.68
C MET A 106 -8.35 -7.04 0.22
N ILE A 107 -9.14 -8.05 -0.11
CA ILE A 107 -9.18 -9.27 0.68
C ILE A 107 -7.80 -9.91 0.70
N GLN A 108 -7.07 -9.71 -0.39
CA GLN A 108 -5.71 -10.24 -0.54
C GLN A 108 -4.74 -9.53 0.41
N ALA A 109 -4.77 -8.20 0.38
CA ALA A 109 -3.88 -7.43 1.23
C ALA A 109 -4.20 -7.56 2.72
N VAL A 110 -5.48 -7.37 3.05
CA VAL A 110 -5.93 -7.44 4.42
C VAL A 110 -5.67 -8.81 5.08
N SER A 111 -5.96 -9.87 4.34
CA SER A 111 -5.77 -11.22 4.86
C SER A 111 -4.31 -11.53 5.11
N LYS A 112 -3.45 -10.92 4.31
CA LYS A 112 -2.02 -11.12 4.40
C LYS A 112 -1.39 -10.25 5.50
N GLU A 113 -1.82 -9.00 5.59
CA GLU A 113 -1.25 -8.09 6.57
C GLU A 113 -1.97 -7.97 7.92
N VAL A 114 -3.14 -8.60 8.04
CA VAL A 114 -3.90 -8.57 9.28
C VAL A 114 -4.35 -9.99 9.65
N LYS A 115 -3.83 -10.49 10.77
CA LYS A 115 -4.16 -11.85 11.24
C LYS A 115 -5.52 -11.90 11.93
N LEU A 116 -6.57 -11.93 11.12
CA LEU A 116 -7.94 -11.93 11.60
C LEU A 116 -8.85 -12.50 10.51
N PRO A 117 -9.93 -13.21 10.89
CA PRO A 117 -10.82 -13.76 9.86
C PRO A 117 -11.54 -12.65 9.09
N ILE A 118 -11.69 -12.84 7.79
CA ILE A 118 -12.33 -11.86 6.93
C ILE A 118 -13.65 -12.38 6.41
N SER A 119 -14.65 -11.50 6.36
CA SER A 119 -15.94 -11.86 5.84
C SER A 119 -16.22 -10.96 4.63
N ILE A 120 -16.82 -11.55 3.60
CA ILE A 120 -17.16 -10.83 2.37
C ILE A 120 -18.62 -10.43 2.40
N ASP A 121 -18.86 -9.13 2.37
CA ASP A 121 -20.22 -8.58 2.40
C ASP A 121 -20.87 -8.52 1.02
N THR A 122 -21.55 -9.60 0.63
CA THR A 122 -22.22 -9.65 -0.67
C THR A 122 -23.33 -10.70 -0.67
N TYR A 123 -24.11 -10.71 -1.75
CA TYR A 123 -25.18 -11.69 -1.90
C TYR A 123 -24.98 -12.48 -3.19
N LYS A 124 -24.18 -11.94 -4.10
CA LYS A 124 -23.86 -12.57 -5.38
C LYS A 124 -22.97 -13.80 -5.23
N ALA A 125 -23.35 -14.88 -5.91
CA ALA A 125 -22.62 -16.13 -5.84
C ALA A 125 -21.18 -16.07 -6.31
N GLU A 126 -20.97 -15.41 -7.46
CA GLU A 126 -19.63 -15.28 -8.03
C GLU A 126 -18.69 -14.50 -7.10
N VAL A 127 -19.12 -13.32 -6.67
CA VAL A 127 -18.32 -12.49 -5.79
C VAL A 127 -17.92 -13.28 -4.53
N ALA A 128 -18.84 -14.11 -4.04
CA ALA A 128 -18.60 -14.91 -2.85
C ALA A 128 -17.49 -15.95 -3.08
N LYS A 129 -17.50 -16.56 -4.27
CA LYS A 129 -16.49 -17.56 -4.61
C LYS A 129 -15.12 -16.88 -4.65
N GLN A 130 -15.02 -15.85 -5.50
CA GLN A 130 -13.80 -15.07 -5.68
C GLN A 130 -13.19 -14.64 -4.34
N ALA A 131 -14.03 -14.04 -3.51
CA ALA A 131 -13.62 -13.53 -2.19
C ALA A 131 -13.02 -14.59 -1.26
N ILE A 132 -13.65 -15.75 -1.17
CA ILE A 132 -13.15 -16.82 -0.31
C ILE A 132 -11.82 -17.32 -0.89
N GLU A 133 -11.71 -17.25 -2.22
CA GLU A 133 -10.51 -17.67 -2.93
C GLU A 133 -9.36 -16.73 -2.57
N ALA A 134 -9.66 -15.43 -2.59
CA ALA A 134 -8.67 -14.42 -2.26
C ALA A 134 -8.30 -14.46 -0.78
N GLY A 135 -9.11 -15.14 0.03
CA GLY A 135 -8.80 -15.23 1.46
C GLY A 135 -9.93 -15.00 2.46
N ALA A 136 -11.12 -14.70 1.98
CA ALA A 136 -12.27 -14.47 2.86
C ALA A 136 -12.73 -15.75 3.56
N HIS A 137 -12.88 -15.69 4.87
CA HIS A 137 -13.29 -16.85 5.68
C HIS A 137 -14.79 -16.98 5.94
N ILE A 138 -15.53 -15.88 5.78
CA ILE A 138 -16.96 -15.89 6.07
C ILE A 138 -17.79 -15.17 5.00
N ILE A 139 -19.01 -15.65 4.76
CA ILE A 139 -19.85 -14.97 3.80
C ILE A 139 -20.87 -14.14 4.56
N ASN A 140 -21.29 -13.02 3.98
CA ASN A 140 -22.23 -12.14 4.63
C ASN A 140 -23.31 -11.71 3.63
N ASP A 141 -24.30 -12.58 3.44
CA ASP A 141 -25.37 -12.32 2.49
C ASP A 141 -26.50 -11.46 3.07
N ILE A 142 -26.63 -10.23 2.60
CA ILE A 142 -27.67 -9.33 3.09
C ILE A 142 -29.05 -9.72 2.59
N TRP A 143 -29.12 -10.78 1.78
CA TRP A 143 -30.39 -11.23 1.25
C TRP A 143 -30.69 -12.67 1.62
N GLY A 144 -30.04 -13.16 2.67
CA GLY A 144 -30.26 -14.51 3.14
C GLY A 144 -30.43 -15.61 2.10
N ALA A 145 -29.51 -15.68 1.15
CA ALA A 145 -29.54 -16.71 0.12
C ALA A 145 -30.82 -16.78 -0.71
N LYS A 146 -31.51 -15.65 -0.84
CA LYS A 146 -32.75 -15.64 -1.61
C LYS A 146 -32.68 -14.94 -2.97
N ALA A 147 -31.77 -13.97 -3.12
CA ALA A 147 -31.64 -13.26 -4.40
C ALA A 147 -30.80 -14.06 -5.39
N GLU A 148 -29.92 -14.91 -4.86
CA GLU A 148 -29.06 -15.76 -5.68
C GLU A 148 -28.78 -17.04 -4.90
N PRO A 149 -29.78 -17.93 -4.80
CA PRO A 149 -29.72 -19.22 -4.09
C PRO A 149 -28.42 -19.99 -4.24
N LYS A 150 -27.74 -19.79 -5.36
CA LYS A 150 -26.48 -20.47 -5.62
C LYS A 150 -25.37 -20.13 -4.62
N ILE A 151 -25.47 -18.97 -3.97
CA ILE A 151 -24.45 -18.56 -3.01
C ILE A 151 -24.40 -19.50 -1.81
N ALA A 152 -25.54 -20.12 -1.49
CA ALA A 152 -25.63 -21.05 -0.38
C ALA A 152 -24.75 -22.25 -0.70
N GLU A 153 -24.75 -22.63 -1.97
CA GLU A 153 -23.95 -23.76 -2.46
C GLU A 153 -22.46 -23.41 -2.41
N VAL A 154 -22.14 -22.16 -2.73
CA VAL A 154 -20.76 -21.69 -2.69
C VAL A 154 -20.26 -21.86 -1.25
N ALA A 155 -21.12 -21.49 -0.31
CA ALA A 155 -20.79 -21.57 1.11
C ALA A 155 -20.66 -23.02 1.57
N ALA A 156 -21.60 -23.86 1.16
CA ALA A 156 -21.59 -25.27 1.53
C ALA A 156 -20.30 -25.90 0.99
N HIS A 157 -19.98 -25.58 -0.26
CA HIS A 157 -18.78 -26.10 -0.93
C HIS A 157 -17.51 -25.79 -0.15
N TYR A 158 -17.14 -24.52 -0.08
CA TYR A 158 -15.94 -24.09 0.64
C TYR A 158 -16.06 -24.32 2.15
N ASP A 159 -17.24 -24.73 2.59
CA ASP A 159 -17.49 -25.02 4.00
C ASP A 159 -17.17 -23.85 4.93
N VAL A 160 -17.68 -22.67 4.61
CA VAL A 160 -17.43 -21.49 5.42
C VAL A 160 -18.67 -21.02 6.15
N PRO A 161 -18.50 -20.36 7.30
CA PRO A 161 -19.63 -19.86 8.08
C PRO A 161 -20.38 -18.84 7.22
N ILE A 162 -21.71 -18.90 7.23
CA ILE A 162 -22.50 -17.96 6.45
C ILE A 162 -23.51 -17.17 7.30
N ILE A 163 -23.64 -15.88 6.99
CA ILE A 163 -24.57 -15.02 7.71
C ILE A 163 -25.84 -14.79 6.87
N LEU A 164 -26.97 -15.24 7.38
CA LEU A 164 -28.25 -15.08 6.71
C LEU A 164 -28.99 -13.93 7.40
N MET A 165 -29.06 -12.79 6.72
CA MET A 165 -29.71 -11.62 7.28
C MET A 165 -31.15 -11.55 6.76
N HIS A 166 -32.07 -11.05 7.59
CA HIS A 166 -33.45 -10.95 7.16
C HIS A 166 -33.63 -9.79 6.19
N ASN A 167 -34.43 -10.00 5.15
CA ASN A 167 -34.66 -8.96 4.18
C ASN A 167 -35.83 -9.37 3.29
N ARG A 168 -36.45 -8.40 2.64
CA ARG A 168 -37.57 -8.64 1.73
C ARG A 168 -37.85 -7.37 0.95
N ASP A 169 -38.52 -7.51 -0.18
CA ASP A 169 -38.81 -6.36 -1.03
C ASP A 169 -40.05 -5.57 -0.62
N ASN A 170 -40.54 -5.80 0.61
CA ASN A 170 -41.72 -5.09 1.07
C ASN A 170 -41.70 -4.94 2.58
N MET A 171 -42.58 -4.11 3.13
CA MET A 171 -42.63 -3.92 4.58
C MET A 171 -44.05 -4.17 5.08
N ASN A 172 -44.76 -5.07 4.42
CA ASN A 172 -46.13 -5.39 4.80
C ASN A 172 -46.22 -6.67 5.61
N TYR A 173 -45.98 -6.52 6.92
CA TYR A 173 -46.00 -7.66 7.83
C TYR A 173 -47.33 -7.86 8.56
N ARG A 174 -47.72 -9.12 8.72
CA ARG A 174 -48.94 -9.45 9.45
C ARG A 174 -48.55 -9.39 10.92
N ASN A 175 -47.39 -9.95 11.23
CA ASN A 175 -46.83 -9.98 12.57
C ASN A 175 -45.31 -9.91 12.37
N LEU A 176 -44.74 -8.72 12.60
CA LEU A 176 -43.30 -8.47 12.41
C LEU A 176 -42.41 -9.63 12.82
N MET A 177 -42.28 -9.86 14.12
CA MET A 177 -41.43 -10.92 14.62
C MET A 177 -41.80 -12.30 14.08
N ALA A 178 -43.08 -12.59 13.96
CA ALA A 178 -43.52 -13.88 13.46
C ALA A 178 -43.07 -14.08 12.02
N ASP A 179 -43.19 -13.02 11.22
CA ASP A 179 -42.78 -13.06 9.82
C ASP A 179 -41.26 -13.03 9.67
N MET A 180 -40.56 -12.32 10.55
CA MET A 180 -39.09 -12.27 10.50
C MET A 180 -38.58 -13.70 10.65
N ILE A 181 -39.00 -14.37 11.73
CA ILE A 181 -38.60 -15.74 12.03
C ILE A 181 -39.01 -16.69 10.91
N ALA A 182 -40.14 -16.40 10.26
CA ALA A 182 -40.61 -17.22 9.16
C ALA A 182 -39.67 -17.02 7.97
N ASP A 183 -39.38 -15.76 7.63
CA ASP A 183 -38.49 -15.46 6.50
C ASP A 183 -37.11 -16.03 6.77
N LEU A 184 -36.57 -15.78 7.96
CA LEU A 184 -35.25 -16.29 8.31
C LEU A 184 -35.22 -17.78 8.10
N TYR A 185 -36.22 -18.49 8.64
CA TYR A 185 -36.27 -19.94 8.50
C TYR A 185 -36.23 -20.38 7.03
N ASP A 186 -36.80 -19.57 6.14
CA ASP A 186 -36.76 -19.94 4.73
C ASP A 186 -35.37 -19.74 4.15
N SER A 187 -34.57 -18.88 4.77
CA SER A 187 -33.21 -18.70 4.30
C SER A 187 -32.43 -19.91 4.78
N ILE A 188 -32.78 -20.39 5.97
CA ILE A 188 -32.13 -21.55 6.55
C ILE A 188 -32.45 -22.78 5.72
N LYS A 189 -33.66 -22.82 5.16
CA LYS A 189 -34.09 -23.95 4.35
C LYS A 189 -33.23 -24.02 3.09
N ILE A 190 -33.05 -22.86 2.44
CA ILE A 190 -32.24 -22.75 1.23
C ILE A 190 -30.79 -23.10 1.53
N ALA A 191 -30.33 -22.67 2.71
CA ALA A 191 -28.96 -22.93 3.13
C ALA A 191 -28.72 -24.42 3.39
N LYS A 192 -29.52 -25.02 4.26
CA LYS A 192 -29.37 -26.44 4.61
C LYS A 192 -29.55 -27.37 3.40
N ASP A 193 -30.51 -27.03 2.54
CA ASP A 193 -30.77 -27.82 1.35
C ASP A 193 -29.57 -27.75 0.42
N ALA A 194 -28.84 -26.64 0.46
CA ALA A 194 -27.65 -26.47 -0.37
C ALA A 194 -26.47 -27.26 0.21
N GLY A 195 -26.65 -27.81 1.40
CA GLY A 195 -25.58 -28.56 2.03
C GLY A 195 -24.89 -27.82 3.16
N VAL A 196 -25.36 -26.62 3.48
CA VAL A 196 -24.76 -25.84 4.55
C VAL A 196 -24.98 -26.53 5.92
N ARG A 197 -23.91 -26.63 6.70
CA ARG A 197 -23.94 -27.27 8.02
C ARG A 197 -24.54 -26.35 9.08
N ASP A 198 -25.37 -26.90 9.97
CA ASP A 198 -25.99 -26.08 11.02
C ASP A 198 -24.97 -25.23 11.78
N GLU A 199 -23.75 -25.75 11.94
CA GLU A 199 -22.71 -25.05 12.68
C GLU A 199 -22.06 -23.90 11.89
N ASN A 200 -22.33 -23.85 10.60
CA ASN A 200 -21.78 -22.80 9.77
C ASN A 200 -22.89 -21.83 9.40
N ILE A 201 -23.87 -21.68 10.30
CA ILE A 201 -24.98 -20.77 10.06
C ILE A 201 -25.11 -19.71 11.17
N ILE A 202 -25.26 -18.46 10.75
CA ILE A 202 -25.41 -17.35 11.68
C ILE A 202 -26.59 -16.50 11.18
N LEU A 203 -27.44 -16.06 12.10
CA LEU A 203 -28.60 -15.25 11.70
C LEU A 203 -28.42 -13.78 12.04
N ASP A 204 -29.10 -12.92 11.28
CA ASP A 204 -29.07 -11.46 11.48
C ASP A 204 -30.53 -10.96 11.28
N PRO A 205 -31.06 -10.19 12.24
CA PRO A 205 -32.43 -9.68 12.13
C PRO A 205 -32.68 -8.72 10.95
N GLY A 206 -31.63 -8.12 10.43
CA GLY A 206 -31.77 -7.21 9.32
C GLY A 206 -32.30 -5.83 9.69
N ILE A 207 -31.84 -5.31 10.83
CA ILE A 207 -32.23 -3.98 11.30
C ILE A 207 -31.94 -2.97 10.20
N GLY A 208 -32.94 -2.20 9.81
CA GLY A 208 -32.75 -1.21 8.77
C GLY A 208 -33.10 -1.72 7.38
N PHE A 209 -33.71 -2.89 7.28
CA PHE A 209 -34.08 -3.43 5.97
C PHE A 209 -35.53 -3.84 5.90
N ALA A 210 -36.28 -3.24 4.97
CA ALA A 210 -37.70 -3.56 4.82
C ALA A 210 -38.42 -3.39 6.14
N LYS A 211 -38.04 -2.35 6.89
CA LYS A 211 -38.63 -2.09 8.19
C LYS A 211 -38.72 -0.59 8.41
N THR A 212 -39.87 -0.15 8.88
CA THR A 212 -40.11 1.26 9.15
C THR A 212 -39.39 1.63 10.44
N PRO A 213 -39.23 2.93 10.71
CA PRO A 213 -38.54 3.29 11.95
C PRO A 213 -39.12 2.58 13.15
N GLU A 214 -40.44 2.57 13.26
CA GLU A 214 -41.10 1.94 14.40
C GLU A 214 -40.90 0.42 14.37
N GLN A 215 -40.89 -0.17 13.17
CA GLN A 215 -40.69 -1.61 13.06
C GLN A 215 -39.29 -2.03 13.51
N ASN A 216 -38.29 -1.18 13.29
CA ASN A 216 -36.92 -1.47 13.72
C ASN A 216 -36.84 -1.48 15.24
N LEU A 217 -37.54 -0.55 15.88
CA LEU A 217 -37.55 -0.48 17.35
C LEU A 217 -38.27 -1.71 17.90
N GLU A 218 -39.14 -2.31 17.08
CA GLU A 218 -39.91 -3.47 17.50
C GLU A 218 -39.04 -4.71 17.44
N ALA A 219 -38.20 -4.78 16.41
CA ALA A 219 -37.27 -5.89 16.23
C ALA A 219 -36.27 -5.86 17.39
N MET A 220 -35.76 -4.67 17.70
CA MET A 220 -34.81 -4.51 18.80
C MET A 220 -35.40 -4.98 20.13
N ARG A 221 -36.62 -4.56 20.41
CA ARG A 221 -37.28 -4.92 21.66
C ARG A 221 -37.64 -6.42 21.74
N ASN A 222 -37.57 -7.10 20.61
CA ASN A 222 -37.93 -8.52 20.62
C ASN A 222 -36.86 -9.46 20.10
N LEU A 223 -35.65 -8.94 19.90
CA LEU A 223 -34.55 -9.76 19.40
C LEU A 223 -34.39 -11.14 20.02
N GLU A 224 -34.60 -11.28 21.32
CA GLU A 224 -34.42 -12.57 21.98
C GLU A 224 -35.22 -13.69 21.33
N GLN A 225 -36.30 -13.32 20.64
CA GLN A 225 -37.12 -14.32 19.98
C GLN A 225 -36.38 -15.11 18.91
N LEU A 226 -35.41 -14.49 18.25
CA LEU A 226 -34.65 -15.18 17.20
C LEU A 226 -33.89 -16.37 17.77
N ASN A 227 -33.50 -16.25 19.02
CA ASN A 227 -32.77 -17.31 19.70
C ASN A 227 -33.46 -18.68 19.68
N VAL A 228 -34.78 -18.72 19.49
CA VAL A 228 -35.46 -20.01 19.48
C VAL A 228 -35.08 -20.88 18.30
N LEU A 229 -34.59 -20.27 17.23
CA LEU A 229 -34.19 -21.04 16.05
C LEU A 229 -32.89 -21.84 16.26
N GLY A 230 -32.22 -21.57 17.39
CA GLY A 230 -31.01 -22.29 17.75
C GLY A 230 -29.67 -21.91 17.14
N TYR A 231 -29.58 -20.74 16.53
CA TYR A 231 -28.34 -20.31 15.91
C TYR A 231 -27.78 -19.01 16.48
N PRO A 232 -26.48 -18.81 16.32
CA PRO A 232 -25.86 -17.58 16.82
C PRO A 232 -26.46 -16.43 16.00
N VAL A 233 -26.55 -15.26 16.64
CA VAL A 233 -27.11 -14.11 15.95
C VAL A 233 -26.14 -12.93 15.91
N LEU A 234 -26.10 -12.27 14.75
CA LEU A 234 -25.27 -11.09 14.52
C LEU A 234 -26.18 -9.87 14.41
N LEU A 235 -25.85 -8.80 15.10
CA LEU A 235 -26.65 -7.60 15.06
C LEU A 235 -25.94 -6.44 14.34
N GLY A 236 -26.56 -5.92 13.29
CA GLY A 236 -25.96 -4.81 12.56
C GLY A 236 -26.83 -3.57 12.61
N THR A 237 -26.51 -2.63 13.50
CA THR A 237 -27.30 -1.41 13.64
C THR A 237 -26.43 -0.16 13.63
N SER A 238 -25.13 -0.34 13.46
CA SER A 238 -24.20 0.78 13.52
C SER A 238 -24.60 2.02 12.71
N ARG A 239 -24.68 3.16 13.41
CA ARG A 239 -25.03 4.46 12.82
C ARG A 239 -26.23 4.49 11.89
N LYS A 240 -27.06 3.45 11.94
CA LYS A 240 -28.21 3.38 11.06
C LYS A 240 -29.27 4.46 11.25
N SER A 241 -30.11 4.58 10.23
CA SER A 241 -31.18 5.57 10.16
C SER A 241 -32.17 5.69 11.33
N PHE A 242 -32.69 4.57 11.84
CA PHE A 242 -33.65 4.63 12.94
C PHE A 242 -33.07 5.25 14.21
N ILE A 243 -31.75 5.35 14.29
CA ILE A 243 -31.13 5.95 15.46
C ILE A 243 -31.21 7.46 15.29
N GLY A 244 -31.16 7.89 14.04
CA GLY A 244 -31.25 9.31 13.72
C GLY A 244 -32.69 9.75 13.89
N HIS A 245 -33.60 8.86 13.53
CA HIS A 245 -35.03 9.14 13.63
C HIS A 245 -35.44 9.35 15.08
N VAL A 246 -34.79 8.64 16.00
CA VAL A 246 -35.10 8.73 17.43
C VAL A 246 -34.39 9.88 18.14
N LEU A 247 -33.08 9.94 17.95
CA LEU A 247 -32.25 10.96 18.58
C LEU A 247 -32.28 12.25 17.80
N ASP A 248 -32.66 12.14 16.52
CA ASP A 248 -32.71 13.28 15.62
C ASP A 248 -31.32 13.87 15.45
N LEU A 249 -30.37 13.01 15.07
CA LEU A 249 -28.99 13.42 14.86
C LEU A 249 -28.45 12.86 13.55
N PRO A 250 -27.54 13.60 12.90
CA PRO A 250 -26.96 13.13 11.62
C PRO A 250 -26.14 11.86 11.84
N VAL A 251 -25.72 11.24 10.74
CA VAL A 251 -24.95 10.00 10.79
C VAL A 251 -23.68 10.02 11.64
N GLU A 252 -22.95 11.12 11.67
CA GLU A 252 -21.73 11.17 12.47
C GLU A 252 -21.97 11.48 13.95
N GLU A 253 -23.24 11.45 14.37
CA GLU A 253 -23.62 11.75 15.74
C GLU A 253 -24.42 10.61 16.37
N ARG A 254 -24.24 9.41 15.82
CA ARG A 254 -24.98 8.26 16.29
C ARG A 254 -24.17 7.23 17.09
N LEU A 255 -23.06 7.67 17.67
CA LEU A 255 -22.22 6.77 18.45
C LEU A 255 -22.92 6.31 19.74
N GLU A 256 -23.45 7.26 20.53
CA GLU A 256 -24.16 6.91 21.77
C GLU A 256 -25.42 6.10 21.47
N GLY A 257 -26.03 6.33 20.32
CA GLY A 257 -27.22 5.59 19.97
C GLY A 257 -26.91 4.19 19.49
N THR A 258 -25.77 4.03 18.82
CA THR A 258 -25.35 2.71 18.35
C THR A 258 -25.05 1.90 19.61
N GLY A 259 -24.34 2.53 20.53
CA GLY A 259 -23.98 1.86 21.76
C GLY A 259 -25.19 1.26 22.45
N ALA A 260 -26.25 2.05 22.58
CA ALA A 260 -27.47 1.59 23.23
C ALA A 260 -28.03 0.35 22.55
N THR A 261 -28.10 0.38 21.22
CA THR A 261 -28.62 -0.77 20.47
C THR A 261 -27.72 -1.99 20.71
N VAL A 262 -26.40 -1.76 20.71
CA VAL A 262 -25.43 -2.83 20.96
C VAL A 262 -25.62 -3.44 22.36
N CYS A 263 -25.70 -2.59 23.38
CA CYS A 263 -25.89 -3.11 24.74
C CYS A 263 -27.17 -3.91 24.89
N LEU A 264 -28.26 -3.40 24.33
CA LEU A 264 -29.53 -4.10 24.43
C LEU A 264 -29.44 -5.42 23.66
N GLY A 265 -28.76 -5.41 22.52
CA GLY A 265 -28.61 -6.63 21.73
C GLY A 265 -27.79 -7.69 22.46
N ILE A 266 -26.67 -7.30 23.05
CA ILE A 266 -25.87 -8.25 23.80
C ILE A 266 -26.73 -8.83 24.93
N GLU A 267 -27.50 -7.96 25.59
CA GLU A 267 -28.35 -8.37 26.68
C GLU A 267 -29.46 -9.33 26.23
N LYS A 268 -29.80 -9.29 24.96
CA LYS A 268 -30.83 -10.17 24.45
C LYS A 268 -30.20 -11.39 23.79
N GLY A 269 -28.90 -11.53 24.03
CA GLY A 269 -28.17 -12.68 23.53
C GLY A 269 -27.55 -12.70 22.14
N CYS A 270 -26.87 -11.64 21.76
CA CYS A 270 -26.24 -11.64 20.45
C CYS A 270 -24.81 -12.11 20.60
N GLU A 271 -24.33 -12.82 19.58
CA GLU A 271 -22.97 -13.31 19.62
C GLU A 271 -22.00 -12.35 18.93
N PHE A 272 -22.49 -11.63 17.94
CA PHE A 272 -21.67 -10.68 17.21
C PHE A 272 -22.39 -9.33 17.01
N VAL A 273 -21.62 -8.26 16.90
CA VAL A 273 -22.17 -6.94 16.65
C VAL A 273 -21.29 -6.33 15.55
N ARG A 274 -21.92 -5.93 14.45
CA ARG A 274 -21.23 -5.34 13.31
C ARG A 274 -21.22 -3.81 13.49
N VAL A 275 -20.07 -3.24 13.84
CA VAL A 275 -20.01 -1.80 14.08
C VAL A 275 -18.91 -1.04 13.33
N HIS A 276 -19.04 0.28 13.31
CA HIS A 276 -18.06 1.17 12.66
C HIS A 276 -17.05 1.61 13.70
N ASP A 277 -17.57 2.11 14.81
CA ASP A 277 -16.74 2.61 15.90
C ASP A 277 -16.24 1.43 16.74
N VAL A 278 -15.25 0.72 16.22
CA VAL A 278 -14.71 -0.44 16.91
C VAL A 278 -14.17 -0.18 18.31
N LYS A 279 -13.40 0.88 18.50
CA LYS A 279 -12.88 1.17 19.82
C LYS A 279 -14.00 1.35 20.87
N GLU A 280 -14.97 2.20 20.58
CA GLU A 280 -16.06 2.46 21.51
C GLU A 280 -16.94 1.25 21.78
N MET A 281 -17.38 0.58 20.72
CA MET A 281 -18.25 -0.59 20.87
C MET A 281 -17.61 -1.78 21.58
N SER A 282 -16.29 -1.92 21.49
CA SER A 282 -15.60 -3.02 22.15
C SER A 282 -15.68 -2.91 23.66
N ARG A 283 -15.45 -1.70 24.17
CA ARG A 283 -15.51 -1.46 25.61
C ARG A 283 -16.94 -1.69 26.11
N MET A 284 -17.92 -1.19 25.37
CA MET A 284 -19.29 -1.38 25.78
C MET A 284 -19.64 -2.85 25.77
N ALA A 285 -19.21 -3.56 24.74
CA ALA A 285 -19.48 -5.00 24.66
C ALA A 285 -18.81 -5.69 25.84
N LYS A 286 -17.54 -5.38 26.08
CA LYS A 286 -16.80 -5.98 27.17
C LYS A 286 -17.47 -5.71 28.52
N MET A 287 -17.83 -4.46 28.79
CA MET A 287 -18.48 -4.16 30.05
C MET A 287 -19.81 -4.89 30.15
N MET A 288 -20.54 -4.98 29.03
CA MET A 288 -21.81 -5.68 29.00
C MET A 288 -21.58 -7.12 29.41
N ASP A 289 -20.64 -7.76 28.71
CA ASP A 289 -20.25 -9.15 28.94
C ASP A 289 -19.96 -9.42 30.42
N ALA A 290 -19.21 -8.53 31.05
CA ALA A 290 -18.93 -8.71 32.46
C ALA A 290 -20.24 -8.73 33.27
N MET A 291 -21.12 -7.76 33.01
CA MET A 291 -22.36 -7.69 33.76
C MET A 291 -23.31 -8.85 33.54
N ILE A 292 -23.60 -9.20 32.28
CA ILE A 292 -24.51 -10.32 32.07
C ILE A 292 -23.85 -11.62 32.49
N GLY A 293 -22.52 -11.63 32.51
CA GLY A 293 -21.77 -12.82 32.91
C GLY A 293 -21.38 -13.72 31.75
N LYS A 294 -21.08 -13.15 30.59
CA LYS A 294 -20.69 -13.96 29.43
C LYS A 294 -19.19 -14.23 29.49
N LYS B 22 35.73 22.80 2.26
CA LYS B 22 35.83 22.35 0.84
C LYS B 22 34.70 22.96 0.00
N TRP B 23 33.52 22.32 0.00
CA TRP B 23 32.40 22.88 -0.76
C TRP B 23 31.83 24.07 0.02
N ASP B 24 31.46 25.14 -0.66
CA ASP B 24 30.93 26.29 0.04
C ASP B 24 29.43 26.43 -0.12
N TYR B 25 28.73 25.31 -0.25
CA TYR B 25 27.28 25.36 -0.39
C TYR B 25 26.65 23.98 -0.25
N ASP B 26 25.42 23.96 0.26
CA ASP B 26 24.68 22.73 0.46
C ASP B 26 23.78 22.50 -0.74
N LEU B 27 23.47 21.24 -1.00
CA LEU B 27 22.59 20.91 -2.09
C LEU B 27 21.18 21.18 -1.57
N ARG B 28 20.45 22.07 -2.24
CA ARG B 28 19.11 22.41 -1.81
C ARG B 28 18.06 21.64 -2.61
N CYS B 29 17.35 20.74 -1.93
CA CYS B 29 16.32 19.94 -2.58
C CYS B 29 15.00 20.12 -1.87
N GLY B 30 14.31 21.23 -2.14
CA GLY B 30 13.03 21.47 -1.48
C GLY B 30 13.19 21.55 0.02
N GLU B 31 12.47 20.71 0.75
CA GLU B 31 12.52 20.71 2.20
C GLU B 31 13.81 20.13 2.77
N TYR B 32 14.38 19.14 2.09
CA TYR B 32 15.61 18.52 2.57
C TYR B 32 16.85 19.23 1.99
N THR B 33 17.92 19.21 2.77
CA THR B 33 19.18 19.83 2.34
C THR B 33 20.34 18.88 2.56
N LEU B 34 21.03 18.54 1.48
CA LEU B 34 22.16 17.63 1.54
C LEU B 34 23.49 18.39 1.68
N ASN B 35 24.30 17.98 2.65
CA ASN B 35 25.59 18.61 2.89
C ASN B 35 26.72 17.81 2.21
N LEU B 36 27.40 18.46 1.27
CA LEU B 36 28.48 17.84 0.51
C LEU B 36 29.84 17.76 1.19
N ASN B 37 29.93 18.12 2.47
CA ASN B 37 31.22 18.09 3.13
C ASN B 37 31.35 17.13 4.30
N GLU B 38 30.27 16.86 5.00
CA GLU B 38 30.37 15.98 6.16
C GLU B 38 30.49 14.50 5.82
N LYS B 39 29.94 14.09 4.68
CA LYS B 39 30.04 12.68 4.37
C LYS B 39 29.66 12.36 2.94
N THR B 40 30.02 11.15 2.53
CA THR B 40 29.68 10.68 1.19
C THR B 40 28.17 10.41 1.20
N LEU B 41 27.45 10.93 0.23
CA LEU B 41 26.00 10.73 0.19
C LEU B 41 25.61 9.45 -0.55
N ILE B 42 24.84 8.60 0.11
CA ILE B 42 24.41 7.35 -0.49
C ILE B 42 23.06 7.43 -1.20
N MET B 43 23.07 7.22 -2.51
CA MET B 43 21.83 7.24 -3.27
C MET B 43 21.43 5.79 -3.55
N GLY B 44 20.42 5.30 -2.83
CA GLY B 44 19.98 3.93 -2.99
C GLY B 44 19.01 3.74 -4.15
N ILE B 45 19.25 2.70 -4.94
CA ILE B 45 18.41 2.39 -6.10
C ILE B 45 17.17 1.59 -5.70
N LEU B 46 16.00 2.09 -6.10
CA LEU B 46 14.72 1.46 -5.77
C LEU B 46 14.37 0.33 -6.73
N ASN B 47 13.61 -0.65 -6.25
CA ASN B 47 13.17 -1.79 -7.04
C ASN B 47 11.97 -1.44 -7.92
N SER B 54 -0.65 -5.17 -14.40
CA SER B 54 -0.86 -3.79 -13.99
C SER B 54 0.01 -2.82 -14.79
N ASP B 55 -0.62 -1.75 -15.28
CA ASP B 55 0.07 -0.73 -16.06
C ASP B 55 0.53 0.38 -15.11
N GLY B 56 0.71 0.01 -13.85
CA GLY B 56 1.14 0.96 -12.83
C GLY B 56 0.03 1.29 -11.84
N GLY B 57 0.41 1.88 -10.72
CA GLY B 57 -0.57 2.25 -9.71
C GLY B 57 -1.06 1.13 -8.81
N SER B 58 -0.86 -0.13 -9.21
CA SER B 58 -1.33 -1.26 -8.40
C SER B 58 -0.74 -1.24 -6.99
N TYR B 59 -1.51 -1.76 -6.03
CA TYR B 59 -1.07 -1.80 -4.64
C TYR B 59 0.22 -2.58 -4.49
N ASN B 60 0.23 -3.78 -5.06
CA ASN B 60 1.38 -4.67 -4.98
C ASN B 60 2.72 -4.03 -5.29
N GLU B 61 2.91 -3.57 -6.53
CA GLU B 61 4.18 -2.96 -6.86
C GLU B 61 4.47 -1.71 -6.03
N VAL B 62 3.53 -0.76 -6.01
CA VAL B 62 3.75 0.48 -5.25
C VAL B 62 4.05 0.23 -3.78
N ASP B 63 3.54 -0.88 -3.26
CA ASP B 63 3.75 -1.23 -1.86
C ASP B 63 5.18 -1.73 -1.67
N ALA B 64 5.60 -2.66 -2.52
CA ALA B 64 6.94 -3.21 -2.45
C ALA B 64 7.95 -2.05 -2.51
N ALA B 65 7.64 -1.07 -3.35
CA ALA B 65 8.48 0.12 -3.54
C ALA B 65 8.63 0.95 -2.25
N VAL B 66 7.54 1.11 -1.50
CA VAL B 66 7.57 1.89 -0.26
C VAL B 66 8.31 1.09 0.82
N ARG B 67 8.16 -0.22 0.77
CA ARG B 67 8.80 -1.09 1.73
C ARG B 67 10.30 -1.06 1.51
N HIS B 68 10.68 -1.10 0.24
CA HIS B 68 12.09 -1.08 -0.12
C HIS B 68 12.67 0.27 0.25
N ALA B 69 11.96 1.32 -0.14
CA ALA B 69 12.38 2.68 0.13
C ALA B 69 12.63 2.85 1.62
N LYS B 70 11.68 2.38 2.43
CA LYS B 70 11.80 2.50 3.87
C LYS B 70 13.01 1.74 4.39
N GLU B 71 13.27 0.59 3.77
CA GLU B 71 14.39 -0.26 4.17
C GLU B 71 15.74 0.38 3.89
N MET B 72 15.90 0.96 2.70
CA MET B 72 17.14 1.62 2.36
C MET B 72 17.34 2.81 3.27
N ARG B 73 16.23 3.48 3.60
CA ARG B 73 16.29 4.62 4.50
C ARG B 73 16.88 4.16 5.82
N ASP B 74 16.45 2.97 6.27
CA ASP B 74 16.96 2.42 7.52
C ASP B 74 18.38 1.90 7.42
N GLU B 75 18.76 1.45 6.23
CA GLU B 75 20.10 0.93 6.00
C GLU B 75 21.15 2.03 5.79
N GLY B 76 20.72 3.24 5.43
CA GLY B 76 21.67 4.33 5.26
C GLY B 76 21.56 5.30 4.10
N ALA B 77 20.57 5.10 3.22
CA ALA B 77 20.38 5.96 2.06
C ALA B 77 20.02 7.40 2.43
N HIS B 78 20.55 8.37 1.68
CA HIS B 78 20.25 9.78 1.88
C HIS B 78 19.42 10.27 0.68
N ILE B 79 19.28 9.40 -0.32
CA ILE B 79 18.50 9.74 -1.50
C ILE B 79 17.92 8.45 -2.05
N ILE B 80 16.72 8.54 -2.63
CA ILE B 80 16.08 7.37 -3.22
C ILE B 80 15.94 7.66 -4.71
N ASP B 81 16.64 6.90 -5.54
CA ASP B 81 16.55 7.11 -6.98
C ASP B 81 15.46 6.19 -7.48
N ILE B 82 14.53 6.72 -8.26
CA ILE B 82 13.43 5.93 -8.79
C ILE B 82 13.40 5.96 -10.32
N GLY B 83 13.47 4.78 -10.94
CA GLY B 83 13.47 4.73 -12.39
C GLY B 83 12.41 3.84 -13.01
N SER B 95 6.59 5.62 -25.38
CA SER B 95 6.35 4.92 -24.12
C SER B 95 6.49 5.94 -22.99
N VAL B 96 6.12 7.18 -23.28
CA VAL B 96 6.20 8.28 -22.32
C VAL B 96 5.05 8.28 -21.31
N GLU B 97 3.84 8.01 -21.76
CA GLU B 97 2.68 7.98 -20.89
C GLU B 97 2.86 6.89 -19.84
N GLU B 98 3.23 5.69 -20.28
CA GLU B 98 3.43 4.55 -19.38
C GLU B 98 4.43 4.88 -18.28
N GLU B 99 5.55 5.47 -18.66
CA GLU B 99 6.59 5.81 -17.70
C GLU B 99 6.00 6.70 -16.60
N ILE B 100 5.09 7.59 -16.99
CA ILE B 100 4.45 8.49 -16.04
C ILE B 100 3.46 7.72 -15.17
N LYS B 101 2.63 6.90 -15.82
CA LYS B 101 1.63 6.09 -15.11
C LYS B 101 2.32 5.21 -14.08
N ARG B 102 3.49 4.70 -14.46
CA ARG B 102 4.27 3.80 -13.63
C ARG B 102 5.13 4.46 -12.56
N VAL B 103 5.73 5.60 -12.87
CA VAL B 103 6.62 6.25 -11.91
C VAL B 103 5.98 7.26 -10.96
N VAL B 104 4.91 7.92 -11.39
CA VAL B 104 4.24 8.92 -10.55
C VAL B 104 3.67 8.35 -9.25
N PRO B 105 2.96 7.21 -9.33
CA PRO B 105 2.37 6.57 -8.16
C PRO B 105 3.38 6.29 -7.04
N MET B 106 4.58 5.87 -7.43
CA MET B 106 5.63 5.56 -6.47
C MET B 106 6.24 6.81 -5.84
N ILE B 107 6.50 7.82 -6.65
CA ILE B 107 7.06 9.06 -6.14
C ILE B 107 6.18 9.60 -5.01
N GLN B 108 4.87 9.60 -5.25
CA GLN B 108 3.91 10.08 -4.26
C GLN B 108 3.95 9.24 -2.98
N ALA B 109 3.79 7.94 -3.14
CA ALA B 109 3.81 7.03 -2.01
C ALA B 109 5.12 7.15 -1.21
N VAL B 110 6.24 7.13 -1.94
CA VAL B 110 7.56 7.22 -1.32
C VAL B 110 7.82 8.58 -0.68
N SER B 111 7.50 9.64 -1.42
CA SER B 111 7.72 10.99 -0.92
C SER B 111 6.84 11.29 0.29
N LYS B 112 5.68 10.64 0.35
CA LYS B 112 4.75 10.82 1.45
C LYS B 112 5.09 9.96 2.66
N GLU B 113 5.62 8.76 2.41
CA GLU B 113 5.93 7.85 3.50
C GLU B 113 7.39 7.72 3.95
N VAL B 114 8.31 8.33 3.20
CA VAL B 114 9.73 8.27 3.55
C VAL B 114 10.32 9.68 3.51
N LYS B 115 10.78 10.16 4.66
CA LYS B 115 11.38 11.49 4.78
C LYS B 115 12.80 11.50 4.23
N LEU B 116 12.91 11.67 2.91
CA LEU B 116 14.21 11.65 2.23
C LEU B 116 14.02 12.26 0.84
N PRO B 117 15.09 12.88 0.29
CA PRO B 117 14.96 13.46 -1.05
C PRO B 117 14.84 12.34 -2.07
N ILE B 118 14.07 12.58 -3.13
CA ILE B 118 13.86 11.58 -4.18
C ILE B 118 14.32 12.06 -5.55
N SER B 119 14.96 11.17 -6.31
CA SER B 119 15.41 11.53 -7.64
C SER B 119 14.73 10.68 -8.69
N ILE B 120 14.21 11.34 -9.72
CA ILE B 120 13.53 10.65 -10.81
C ILE B 120 14.57 10.29 -11.88
N ASP B 121 14.79 9.00 -12.07
CA ASP B 121 15.77 8.51 -13.03
C ASP B 121 15.23 8.51 -14.46
N THR B 122 15.35 9.63 -15.14
CA THR B 122 14.86 9.73 -16.52
C THR B 122 15.76 10.60 -17.38
N TYR B 123 15.28 10.96 -18.57
CA TYR B 123 16.00 11.83 -19.49
C TYR B 123 15.00 12.58 -20.35
N LYS B 124 13.73 12.20 -20.22
CA LYS B 124 12.63 12.80 -20.96
C LYS B 124 12.10 14.01 -20.21
N ALA B 125 11.83 15.09 -20.94
CA ALA B 125 11.37 16.33 -20.34
C ALA B 125 10.03 16.24 -19.60
N GLU B 126 9.11 15.44 -20.12
CA GLU B 126 7.79 15.30 -19.50
C GLU B 126 7.84 14.53 -18.19
N VAL B 127 8.53 13.39 -18.22
CA VAL B 127 8.65 12.53 -17.05
C VAL B 127 9.26 13.29 -15.87
N ALA B 128 10.17 14.21 -16.17
CA ALA B 128 10.84 14.99 -15.14
C ALA B 128 9.88 15.99 -14.49
N LYS B 129 8.97 16.56 -15.28
CA LYS B 129 8.02 17.53 -14.75
C LYS B 129 6.99 16.80 -13.85
N GLN B 130 6.30 15.83 -14.43
CA GLN B 130 5.30 15.03 -13.72
C GLN B 130 5.85 14.57 -12.38
N ALA B 131 7.06 14.00 -12.44
CA ALA B 131 7.76 13.47 -11.28
C ALA B 131 8.06 14.51 -10.21
N ILE B 132 8.51 15.70 -10.64
CA ILE B 132 8.82 16.76 -9.69
C ILE B 132 7.54 17.26 -9.03
N GLU B 133 6.46 17.30 -9.82
CA GLU B 133 5.16 17.72 -9.31
C GLU B 133 4.67 16.65 -8.32
N ALA B 134 4.92 15.39 -8.68
CA ALA B 134 4.55 14.26 -7.85
C ALA B 134 5.30 14.29 -6.52
N GLY B 135 6.45 14.97 -6.50
CA GLY B 135 7.22 15.07 -5.27
C GLY B 135 8.72 14.80 -5.41
N ALA B 136 9.19 14.59 -6.63
CA ALA B 136 10.61 14.33 -6.88
C ALA B 136 11.42 15.62 -6.68
N HIS B 137 12.56 15.51 -6.01
CA HIS B 137 13.42 16.66 -5.72
C HIS B 137 14.64 16.82 -6.64
N ILE B 138 15.05 15.73 -7.28
CA ILE B 138 16.24 15.74 -8.14
C ILE B 138 16.07 15.03 -9.47
N ILE B 139 16.61 15.59 -10.54
CA ILE B 139 16.51 14.97 -11.85
C ILE B 139 17.80 14.22 -12.13
N ASN B 140 17.68 12.95 -12.48
CA ASN B 140 18.85 12.12 -12.75
C ASN B 140 18.87 11.69 -14.21
N ASP B 141 19.43 12.56 -15.05
CA ASP B 141 19.49 12.32 -16.50
C ASP B 141 20.71 11.53 -16.98
N ILE B 142 20.46 10.33 -17.50
CA ILE B 142 21.53 9.47 -17.99
C ILE B 142 22.01 9.85 -19.38
N TRP B 143 21.52 10.97 -19.91
CA TRP B 143 21.95 11.42 -21.23
C TRP B 143 22.42 12.86 -21.14
N GLY B 144 22.65 13.32 -19.92
CA GLY B 144 23.10 14.67 -19.68
C GLY B 144 22.45 15.79 -20.46
N ALA B 145 21.12 15.79 -20.52
CA ALA B 145 20.38 16.82 -21.22
C ALA B 145 20.68 16.85 -22.72
N LYS B 146 21.28 15.78 -23.23
CA LYS B 146 21.60 15.71 -24.65
C LYS B 146 20.52 15.01 -25.47
N ALA B 147 19.67 14.22 -24.81
CA ALA B 147 18.61 13.48 -25.48
C ALA B 147 17.37 14.35 -25.67
N GLU B 148 16.99 15.07 -24.63
CA GLU B 148 15.83 15.93 -24.67
C GLU B 148 16.12 17.23 -23.94
N PRO B 149 16.90 18.12 -24.58
CA PRO B 149 17.30 19.42 -24.04
C PRO B 149 16.27 20.11 -23.14
N LYS B 150 15.00 20.03 -23.52
CA LYS B 150 13.93 20.66 -22.76
C LYS B 150 13.94 20.29 -21.27
N ILE B 151 14.54 19.15 -20.94
CA ILE B 151 14.60 18.69 -19.56
C ILE B 151 15.43 19.68 -18.72
N ALA B 152 16.40 20.29 -19.36
CA ALA B 152 17.26 21.27 -18.70
C ALA B 152 16.43 22.44 -18.23
N GLU B 153 15.35 22.72 -18.97
CA GLU B 153 14.46 23.83 -18.61
C GLU B 153 13.52 23.47 -17.48
N VAL B 154 13.24 22.18 -17.33
CA VAL B 154 12.36 21.73 -16.26
C VAL B 154 13.05 21.97 -14.92
N ALA B 155 14.31 21.57 -14.84
CA ALA B 155 15.12 21.73 -13.64
C ALA B 155 15.34 23.21 -13.36
N ALA B 156 15.53 23.97 -14.42
CA ALA B 156 15.74 25.41 -14.30
C ALA B 156 14.49 26.03 -13.69
N HIS B 157 13.33 25.59 -14.17
CA HIS B 157 12.05 26.11 -13.69
C HIS B 157 11.73 25.69 -12.26
N TYR B 158 11.95 24.42 -11.96
CA TYR B 158 11.68 23.93 -10.62
C TYR B 158 12.86 24.13 -9.68
N ASP B 159 13.91 24.76 -10.18
CA ASP B 159 15.12 25.04 -9.41
C ASP B 159 15.65 23.85 -8.62
N VAL B 160 15.69 22.69 -9.27
CA VAL B 160 16.16 21.46 -8.63
C VAL B 160 17.55 21.02 -9.14
N PRO B 161 18.27 20.23 -8.34
CA PRO B 161 19.59 19.74 -8.72
C PRO B 161 19.45 18.73 -9.84
N ILE B 162 20.32 18.80 -10.86
CA ILE B 162 20.26 17.86 -11.96
C ILE B 162 21.57 17.08 -12.10
N ILE B 163 21.47 15.80 -12.43
CA ILE B 163 22.65 14.96 -12.60
C ILE B 163 22.84 14.70 -14.09
N LEU B 164 23.99 15.11 -14.61
CA LEU B 164 24.29 14.94 -16.03
C LEU B 164 25.35 13.84 -16.14
N MET B 165 24.92 12.65 -16.56
CA MET B 165 25.83 11.51 -16.69
C MET B 165 26.48 11.49 -18.07
N HIS B 166 27.72 10.99 -18.15
CA HIS B 166 28.39 10.91 -19.44
C HIS B 166 27.80 9.81 -20.28
N ASN B 167 27.63 10.06 -21.57
CA ASN B 167 27.07 9.04 -22.45
C ASN B 167 27.33 9.42 -23.89
N ARG B 168 27.28 8.44 -24.79
CA ARG B 168 27.48 8.64 -26.23
C ARG B 168 27.14 7.35 -26.95
N ASP B 169 26.83 7.43 -28.23
CA ASP B 169 26.47 6.25 -29.00
C ASP B 169 27.63 5.44 -29.53
N ASN B 170 28.85 5.89 -29.28
CA ASN B 170 30.02 5.16 -29.77
C ASN B 170 31.02 4.93 -28.65
N MET B 171 32.09 4.21 -28.97
CA MET B 171 33.12 3.93 -27.99
C MET B 171 34.47 4.27 -28.59
N ASN B 172 34.45 5.15 -29.58
CA ASN B 172 35.65 5.59 -30.29
C ASN B 172 36.27 6.77 -29.54
N TYR B 173 37.19 6.48 -28.62
CA TYR B 173 37.81 7.53 -27.85
C TYR B 173 39.24 7.84 -28.27
N ARG B 174 39.47 9.13 -28.55
CA ARG B 174 40.78 9.62 -28.94
C ARG B 174 41.65 9.55 -27.69
N ASN B 175 41.05 10.00 -26.59
CA ASN B 175 41.67 10.05 -25.28
C ASN B 175 40.49 10.01 -24.31
N LEU B 176 40.18 8.81 -23.81
CA LEU B 176 39.03 8.57 -22.92
C LEU B 176 38.67 9.68 -21.96
N MET B 177 39.54 9.95 -21.00
CA MET B 177 39.31 10.99 -19.99
C MET B 177 39.16 12.39 -20.57
N ALA B 178 39.98 12.70 -21.57
CA ALA B 178 39.94 13.99 -22.23
C ALA B 178 38.60 14.17 -22.95
N ASP B 179 38.11 13.10 -23.55
CA ASP B 179 36.83 13.15 -24.27
C ASP B 179 35.63 13.12 -23.33
N MET B 180 35.75 12.42 -22.21
CA MET B 180 34.67 12.34 -21.23
C MET B 180 34.40 13.75 -20.69
N ILE B 181 35.47 14.49 -20.34
CA ILE B 181 35.37 15.85 -19.82
C ILE B 181 34.81 16.76 -20.90
N ALA B 182 35.21 16.51 -22.13
CA ALA B 182 34.73 17.28 -23.27
C ALA B 182 33.22 17.05 -23.38
N ASP B 183 32.81 15.79 -23.45
CA ASP B 183 31.40 15.49 -23.56
C ASP B 183 30.63 16.11 -22.38
N LEU B 184 31.12 15.89 -21.17
CA LEU B 184 30.47 16.44 -19.99
C LEU B 184 30.28 17.95 -20.07
N TYR B 185 31.28 18.66 -20.61
CA TYR B 185 31.18 20.11 -20.76
C TYR B 185 30.00 20.47 -21.64
N ASP B 186 29.73 19.66 -22.65
CA ASP B 186 28.60 19.94 -23.53
C ASP B 186 27.29 19.86 -22.75
N SER B 187 27.18 18.88 -21.86
CA SER B 187 25.97 18.73 -21.06
C SER B 187 25.80 19.95 -20.16
N ILE B 188 26.91 20.49 -19.67
CA ILE B 188 26.88 21.64 -18.79
C ILE B 188 26.49 22.89 -19.58
N LYS B 189 26.93 22.97 -20.83
CA LYS B 189 26.61 24.11 -21.67
C LYS B 189 25.10 24.16 -21.90
N ILE B 190 24.51 23.01 -22.26
CA ILE B 190 23.07 22.88 -22.49
C ILE B 190 22.26 23.18 -21.22
N ALA B 191 22.84 22.85 -20.07
CA ALA B 191 22.18 23.09 -18.79
C ALA B 191 22.15 24.56 -18.41
N LYS B 192 23.34 25.16 -18.29
CA LYS B 192 23.46 26.58 -17.92
C LYS B 192 22.77 27.50 -18.91
N ASP B 193 22.67 27.06 -20.17
CA ASP B 193 22.02 27.86 -21.20
C ASP B 193 20.51 27.84 -20.95
N ALA B 194 20.01 26.71 -20.45
CA ALA B 194 18.59 26.57 -20.15
C ALA B 194 18.22 27.36 -18.89
N GLY B 195 19.22 27.70 -18.09
CA GLY B 195 18.97 28.46 -16.88
C GLY B 195 19.42 27.81 -15.59
N VAL B 196 19.92 26.58 -15.68
CA VAL B 196 20.37 25.85 -14.50
C VAL B 196 21.51 26.54 -13.77
N ARG B 197 21.35 26.77 -12.47
CA ARG B 197 22.40 27.40 -11.68
C ARG B 197 23.52 26.39 -11.46
N ASP B 198 24.75 26.88 -11.32
CA ASP B 198 25.87 25.97 -11.11
C ASP B 198 25.68 25.08 -9.89
N GLU B 199 25.25 25.66 -8.77
CA GLU B 199 25.02 24.91 -7.54
C GLU B 199 23.99 23.80 -7.74
N ASN B 200 23.37 23.76 -8.92
CA ASN B 200 22.36 22.74 -9.20
C ASN B 200 22.84 21.70 -10.21
N ILE B 201 24.15 21.63 -10.41
CA ILE B 201 24.69 20.67 -11.36
C ILE B 201 25.58 19.62 -10.70
N ILE B 202 25.36 18.37 -11.10
CA ILE B 202 26.12 17.26 -10.59
C ILE B 202 26.60 16.40 -11.77
N LEU B 203 27.85 15.95 -11.70
CA LEU B 203 28.43 15.16 -12.77
C LEU B 203 28.55 13.67 -12.46
N ASP B 204 28.42 12.84 -13.49
CA ASP B 204 28.54 11.37 -13.38
C ASP B 204 29.41 10.90 -14.55
N PRO B 205 30.43 10.06 -14.27
CA PRO B 205 31.34 9.54 -15.29
C PRO B 205 30.69 8.55 -16.29
N GLY B 206 29.53 8.02 -15.93
CA GLY B 206 28.84 7.11 -16.81
C GLY B 206 29.52 5.76 -16.93
N ILE B 207 30.01 5.25 -15.80
CA ILE B 207 30.66 3.94 -15.76
C ILE B 207 29.65 2.91 -16.25
N GLY B 208 30.02 2.13 -17.25
CA GLY B 208 29.09 1.15 -17.75
C GLY B 208 28.25 1.71 -18.90
N PHE B 209 28.71 2.77 -19.55
CA PHE B 209 27.98 3.33 -20.68
C PHE B 209 28.95 3.78 -21.77
N ALA B 210 28.71 3.29 -22.99
CA ALA B 210 29.55 3.63 -24.13
C ALA B 210 31.03 3.44 -23.81
N LYS B 211 31.34 2.36 -23.10
CA LYS B 211 32.71 2.07 -22.71
C LYS B 211 33.00 0.58 -22.72
N THR B 212 34.17 0.19 -23.21
CA THR B 212 34.53 -1.23 -23.21
C THR B 212 34.92 -1.57 -21.78
N PRO B 213 34.99 -2.86 -21.44
CA PRO B 213 35.37 -3.27 -20.09
C PRO B 213 36.63 -2.55 -19.61
N GLU B 214 37.67 -2.58 -20.42
CA GLU B 214 38.93 -1.93 -20.06
C GLU B 214 38.77 -0.42 -19.97
N GLN B 215 37.86 0.16 -20.77
CA GLN B 215 37.66 1.61 -20.71
C GLN B 215 37.09 2.01 -19.36
N ASN B 216 36.20 1.18 -18.80
CA ASN B 216 35.62 1.47 -17.49
C ASN B 216 36.72 1.42 -16.44
N LEU B 217 37.64 0.46 -16.57
CA LEU B 217 38.74 0.36 -15.62
C LEU B 217 39.62 1.60 -15.70
N GLU B 218 39.62 2.24 -16.87
CA GLU B 218 40.43 3.43 -17.13
C GLU B 218 39.77 4.66 -16.48
N ALA B 219 38.46 4.76 -16.64
CA ALA B 219 37.71 5.85 -16.03
C ALA B 219 37.89 5.77 -14.50
N MET B 220 37.70 4.60 -13.92
CA MET B 220 37.87 4.43 -12.47
C MET B 220 39.24 4.90 -11.99
N ARG B 221 40.27 4.49 -12.71
CA ARG B 221 41.64 4.83 -12.37
C ARG B 221 41.92 6.34 -12.51
N ASN B 222 41.13 7.03 -13.32
CA ASN B 222 41.36 8.45 -13.53
C ASN B 222 40.21 9.37 -13.12
N LEU B 223 39.31 8.89 -12.27
CA LEU B 223 38.17 9.70 -11.87
C LEU B 223 38.47 11.08 -11.30
N GLU B 224 39.56 11.21 -10.54
CA GLU B 224 39.93 12.49 -9.94
C GLU B 224 40.08 13.61 -10.97
N GLN B 225 40.23 13.26 -12.23
CA GLN B 225 40.36 14.27 -13.25
C GLN B 225 39.04 14.99 -13.45
N LEU B 226 37.93 14.35 -13.11
CA LEU B 226 36.63 14.99 -13.29
C LEU B 226 36.48 16.18 -12.35
N ASN B 227 37.20 16.15 -11.24
CA ASN B 227 37.11 17.21 -10.26
C ASN B 227 37.58 18.59 -10.73
N VAL B 228 38.30 18.68 -11.85
CA VAL B 228 38.76 19.98 -12.30
C VAL B 228 37.64 20.86 -12.85
N LEU B 229 36.51 20.24 -13.18
CA LEU B 229 35.38 21.00 -13.71
C LEU B 229 34.69 21.83 -12.63
N GLY B 230 34.93 21.48 -11.36
CA GLY B 230 34.35 22.22 -10.26
C GLY B 230 32.94 21.85 -9.80
N TYR B 231 32.46 20.65 -10.14
CA TYR B 231 31.13 20.25 -9.72
C TYR B 231 31.11 18.92 -9.00
N PRO B 232 30.15 18.73 -8.10
CA PRO B 232 30.06 17.48 -7.37
C PRO B 232 29.96 16.33 -8.37
N VAL B 233 30.49 15.18 -7.98
CA VAL B 233 30.45 14.02 -8.84
C VAL B 233 29.72 12.85 -8.19
N LEU B 234 28.90 12.18 -9.01
CA LEU B 234 28.15 11.02 -8.59
C LEU B 234 28.68 9.79 -9.32
N LEU B 235 28.95 8.73 -8.57
CA LEU B 235 29.46 7.48 -9.15
C LEU B 235 28.46 6.32 -9.11
N GLY B 236 28.14 5.81 -10.30
CA GLY B 236 27.21 4.69 -10.44
C GLY B 236 27.88 3.45 -11.04
N THR B 237 28.27 2.52 -10.19
CA THR B 237 28.95 1.32 -10.66
C THR B 237 28.35 0.04 -10.08
N SER B 238 27.36 0.21 -9.22
CA SER B 238 26.74 -0.92 -8.54
C SER B 238 26.43 -2.14 -9.38
N ARG B 239 27.03 -3.27 -9.00
CA ARG B 239 26.85 -4.57 -9.66
C ARG B 239 26.93 -4.55 -11.19
N LYS B 240 27.69 -3.63 -11.76
CA LYS B 240 27.79 -3.54 -13.21
C LYS B 240 28.62 -4.62 -13.89
N SER B 241 28.44 -4.70 -15.20
CA SER B 241 29.10 -5.67 -16.05
C SER B 241 30.62 -5.77 -15.90
N PHE B 242 31.30 -4.63 -15.92
CA PHE B 242 32.75 -4.64 -15.82
C PHE B 242 33.29 -5.26 -14.55
N ILE B 243 32.43 -5.41 -13.54
CA ILE B 243 32.87 -6.04 -12.30
C ILE B 243 32.79 -7.54 -12.53
N GLY B 244 31.76 -7.95 -13.26
CA GLY B 244 31.60 -9.35 -13.57
C GLY B 244 32.75 -9.79 -14.48
N HIS B 245 33.12 -8.93 -15.41
CA HIS B 245 34.19 -9.21 -16.34
C HIS B 245 35.52 -9.45 -15.64
N VAL B 246 35.80 -8.69 -14.59
CA VAL B 246 37.05 -8.81 -13.84
C VAL B 246 37.07 -9.96 -12.83
N LEU B 247 36.03 -10.04 -12.01
CA LEU B 247 35.98 -11.08 -11.01
C LEU B 247 35.39 -12.36 -11.57
N ASP B 248 34.79 -12.25 -12.75
CA ASP B 248 34.13 -13.37 -13.43
C ASP B 248 33.06 -13.95 -12.53
N LEU B 249 32.12 -13.09 -12.12
CA LEU B 249 31.04 -13.51 -11.24
C LEU B 249 29.71 -12.93 -11.74
N PRO B 250 28.59 -13.64 -11.47
CA PRO B 250 27.27 -13.18 -11.90
C PRO B 250 26.78 -11.94 -11.15
N VAL B 251 25.71 -11.34 -11.66
CA VAL B 251 25.15 -10.12 -11.09
C VAL B 251 24.89 -10.12 -9.57
N GLU B 252 24.40 -11.22 -9.01
CA GLU B 252 24.14 -11.25 -7.57
C GLU B 252 25.38 -11.64 -6.77
N GLU B 253 26.54 -11.55 -7.40
CA GLU B 253 27.80 -11.91 -6.75
C GLU B 253 28.84 -10.80 -6.88
N ARG B 254 28.39 -9.56 -7.04
CA ARG B 254 29.31 -8.44 -7.22
C ARG B 254 29.36 -7.43 -6.06
N LEU B 255 28.90 -7.85 -4.89
CA LEU B 255 28.90 -6.96 -3.74
C LEU B 255 30.32 -6.50 -3.40
N GLU B 256 31.25 -7.45 -3.24
CA GLU B 256 32.64 -7.13 -2.91
C GLU B 256 33.31 -6.30 -4.01
N GLY B 257 32.88 -6.53 -5.25
CA GLY B 257 33.45 -5.80 -6.37
C GLY B 257 32.93 -4.38 -6.41
N THR B 258 31.63 -4.22 -6.11
CA THR B 258 31.00 -2.91 -6.09
C THR B 258 31.68 -2.09 -4.99
N GLY B 259 31.99 -2.73 -3.87
CA GLY B 259 32.63 -2.04 -2.78
C GLY B 259 33.98 -1.46 -3.12
N ALA B 260 34.77 -2.24 -3.88
CA ALA B 260 36.10 -1.78 -4.27
C ALA B 260 35.96 -0.54 -5.13
N THR B 261 34.98 -0.54 -6.05
CA THR B 261 34.77 0.62 -6.91
C THR B 261 34.32 1.81 -6.06
N VAL B 262 33.45 1.56 -5.08
CA VAL B 262 32.97 2.63 -4.20
C VAL B 262 34.08 3.24 -3.36
N CYS B 263 34.95 2.40 -2.81
CA CYS B 263 36.05 2.91 -2.00
C CYS B 263 37.00 3.77 -2.84
N LEU B 264 37.38 3.24 -4.00
CA LEU B 264 38.29 3.96 -4.89
C LEU B 264 37.66 5.29 -5.32
N GLY B 265 36.40 5.24 -5.75
CA GLY B 265 35.68 6.44 -6.17
C GLY B 265 35.62 7.52 -5.08
N ILE B 266 35.34 7.10 -3.84
CA ILE B 266 35.29 8.06 -2.74
C ILE B 266 36.71 8.60 -2.51
N GLU B 267 37.70 7.72 -2.57
CA GLU B 267 39.08 8.13 -2.37
C GLU B 267 39.54 9.06 -3.50
N LYS B 268 38.82 9.05 -4.61
CA LYS B 268 39.17 9.94 -5.71
C LYS B 268 38.29 11.18 -5.73
N GLY B 269 37.49 11.37 -4.67
CA GLY B 269 36.68 12.56 -4.56
C GLY B 269 35.24 12.57 -5.05
N CYS B 270 34.52 11.48 -4.83
CA CYS B 270 33.13 11.43 -5.24
C CYS B 270 32.28 11.92 -4.09
N GLU B 271 31.23 12.66 -4.42
CA GLU B 271 30.31 13.17 -3.40
C GLU B 271 29.14 12.21 -3.15
N PHE B 272 28.68 11.52 -4.20
CA PHE B 272 27.59 10.56 -4.04
C PHE B 272 27.94 9.29 -4.79
N VAL B 273 27.43 8.16 -4.28
CA VAL B 273 27.60 6.84 -4.90
C VAL B 273 26.21 6.21 -4.96
N ARG B 274 25.78 5.86 -6.17
CA ARG B 274 24.48 5.24 -6.43
C ARG B 274 24.63 3.72 -6.31
N VAL B 275 24.02 3.13 -5.29
CA VAL B 275 24.17 1.69 -5.08
C VAL B 275 22.86 0.91 -4.87
N HIS B 276 22.98 -0.42 -4.92
CA HIS B 276 21.85 -1.34 -4.70
C HIS B 276 21.88 -1.81 -3.23
N ASP B 277 23.07 -2.18 -2.77
CA ASP B 277 23.29 -2.66 -1.42
C ASP B 277 23.58 -1.49 -0.46
N VAL B 278 22.53 -0.78 -0.04
CA VAL B 278 22.73 0.35 0.84
C VAL B 278 23.45 0.04 2.15
N LYS B 279 23.01 -0.99 2.88
CA LYS B 279 23.66 -1.32 4.14
C LYS B 279 25.18 -1.52 4.06
N GLU B 280 25.61 -2.37 3.12
CA GLU B 280 27.03 -2.69 2.94
C GLU B 280 27.85 -1.48 2.44
N MET B 281 27.37 -0.84 1.38
CA MET B 281 28.05 0.31 0.82
C MET B 281 28.14 1.51 1.75
N SER B 282 27.07 1.78 2.51
CA SER B 282 27.09 2.91 3.42
C SER B 282 28.11 2.73 4.55
N ARG B 283 28.39 1.49 4.94
CA ARG B 283 29.40 1.24 5.98
C ARG B 283 30.77 1.54 5.38
N MET B 284 31.03 0.99 4.20
CA MET B 284 32.31 1.20 3.54
C MET B 284 32.55 2.68 3.32
N ALA B 285 31.53 3.37 2.83
CA ALA B 285 31.64 4.79 2.58
C ALA B 285 31.97 5.48 3.89
N LYS B 286 31.28 5.09 4.96
CA LYS B 286 31.51 5.68 6.27
C LYS B 286 32.95 5.49 6.71
N MET B 287 33.47 4.27 6.61
CA MET B 287 34.85 3.99 7.02
C MET B 287 35.86 4.69 6.09
N MET B 288 35.48 4.88 4.82
CA MET B 288 36.37 5.56 3.88
C MET B 288 36.54 7.02 4.28
N ASP B 289 35.42 7.66 4.61
CA ASP B 289 35.37 9.06 5.03
C ASP B 289 36.29 9.27 6.24
N ALA B 290 36.24 8.37 7.20
CA ALA B 290 37.09 8.49 8.37
C ALA B 290 38.56 8.45 7.98
N MET B 291 38.92 7.58 7.04
CA MET B 291 40.33 7.50 6.67
C MET B 291 40.81 8.68 5.85
N ILE B 292 40.04 9.12 4.87
CA ILE B 292 40.48 10.26 4.07
C ILE B 292 40.23 11.56 4.85
N GLY B 293 39.44 11.47 5.92
CA GLY B 293 39.15 12.64 6.74
C GLY B 293 38.05 13.56 6.23
N LYS B 294 37.03 12.99 5.60
CA LYS B 294 35.91 13.79 5.08
C LYS B 294 34.88 13.99 6.19
#